data_6GHQ
#
_entry.id   6GHQ
#
_cell.length_a   70.810
_cell.length_b   118.450
_cell.length_c   35.430
_cell.angle_alpha   90.00
_cell.angle_beta   90.00
_cell.angle_gamma   90.00
#
_symmetry.space_group_name_H-M   'P 21 21 2'
#
loop_
_entity.id
_entity.type
_entity.pdbx_description
1 polymer 'Probable phosphite transport system-binding protein HtxB'
2 non-polymer 'FORMIC ACID'
3 non-polymer 1,2-ETHANEDIOL
4 non-polymer 2-[BIS-(2-HYDROXY-ETHYL)-AMINO]-2-HYDROXYMETHYL-PROPANE-1,3-DIOL
5 non-polymer 'SULFATE ION'
6 water water
#
_entity_poly.entity_id   1
_entity_poly.type   'polypeptide(L)'
_entity_poly.pdbx_seq_one_letter_code
;MAEVVNGKLHLRFAIAPMRPTPSQTIKEFEPIFKYLADQLGATYEIVSPESWAAISVAMTNGHVDVGWLGPWGYVLSNKK
AGTEVLATVKYRGEPFYKALIVGRADLPIKKWPEDAKGLKLSLSDQGNTSGWLIPMAYFKSIGIDPASYFEYREGATFGQ
NESQIQHGLIDLGSDMDRGRNGMIEAGQIDPSKSKIVWESSKLPNNAISVPKDFDPALKARITEILTSLSEEKAQSLMGS
GYNGFVKAKHSDYKVIEDAGRILGKLLEHHHHHH
;
_entity_poly.pdbx_strand_id   A
#
loop_
_chem_comp.id
_chem_comp.type
_chem_comp.name
_chem_comp.formula
BTB non-polymer 2-[BIS-(2-HYDROXY-ETHYL)-AMINO]-2-HYDROXYMETHYL-PROPANE-1,3-DIOL 'C8 H19 N O5'
EDO non-polymer 1,2-ETHANEDIOL 'C2 H6 O2'
FMT non-polymer 'FORMIC ACID' 'C H2 O2'
SO4 non-polymer 'SULFATE ION' 'O4 S -2'
#
# COMPACT_ATOMS: atom_id res chain seq x y z
N ALA A 2 -24.95 2.55 0.06
CA ALA A 2 -25.55 3.93 0.01
C ALA A 2 -27.05 3.85 0.31
N GLU A 3 -27.41 4.38 1.46
CA GLU A 3 -28.79 4.34 1.93
C GLU A 3 -29.22 5.73 2.39
N VAL A 4 -30.50 5.83 2.75
CA VAL A 4 -31.13 7.06 3.22
C VAL A 4 -31.45 6.88 4.70
N VAL A 5 -30.99 7.85 5.51
CA VAL A 5 -31.25 7.91 6.93
C VAL A 5 -31.73 9.34 7.26
N ASN A 6 -32.86 9.44 7.97
CA ASN A 6 -33.42 10.74 8.37
C ASN A 6 -33.47 11.69 7.15
N GLY A 7 -33.81 11.14 5.97
CA GLY A 7 -34.04 11.88 4.74
C GLY A 7 -32.76 12.36 4.03
N LYS A 8 -31.61 11.77 4.36
CA LYS A 8 -30.31 12.23 3.80
C LYS A 8 -29.51 10.99 3.37
N LEU A 9 -28.62 11.18 2.38
CA LEU A 9 -27.56 10.19 2.11
C LEU A 9 -26.75 9.88 3.38
N HIS A 10 -26.49 8.59 3.55
CA HIS A 10 -25.72 8.07 4.65
C HIS A 10 -24.72 7.06 4.09
N LEU A 11 -23.44 7.33 4.35
CA LEU A 11 -22.30 6.57 3.73
C LEU A 11 -21.58 5.75 4.80
N ARG A 12 -21.13 4.56 4.40
CA ARG A 12 -20.29 3.72 5.24
C ARG A 12 -18.84 3.83 4.73
N PHE A 13 -17.99 4.37 5.59
CA PHE A 13 -16.59 4.54 5.29
C PHE A 13 -15.73 3.51 6.02
N ALA A 14 -14.58 3.15 5.41
CA ALA A 14 -13.58 2.29 6.06
C ALA A 14 -12.17 2.78 5.73
N ILE A 15 -11.29 2.75 6.75
CA ILE A 15 -9.88 3.17 6.61
C ILE A 15 -9.01 1.98 7.02
N ALA A 16 -8.05 1.64 6.16
CA ALA A 16 -7.03 0.65 6.43
C ALA A 16 -6.24 0.97 7.71
N PRO A 17 -5.53 0.00 8.28
CA PRO A 17 -4.79 0.24 9.53
C PRO A 17 -3.52 1.05 9.30
N MET A 18 -3.68 2.37 9.19
CA MET A 18 -2.59 3.31 8.96
C MET A 18 -1.73 3.47 10.22
N ARG A 19 -2.33 3.25 11.39
CA ARG A 19 -1.69 3.45 12.69
C ARG A 19 -1.85 2.16 13.49
N PRO A 20 -1.02 1.94 14.54
CA PRO A 20 -1.02 0.67 15.27
C PRO A 20 -2.36 0.23 15.91
N THR A 21 -3.31 1.16 16.13
CA THR A 21 -4.65 0.79 16.61
C THR A 21 -5.74 1.45 15.74
N PRO A 22 -6.93 0.80 15.63
CA PRO A 22 -8.09 1.43 15.00
C PRO A 22 -8.41 2.82 15.56
N SER A 23 -8.37 2.99 16.89
CA SER A 23 -8.59 4.26 17.58
C SER A 23 -7.66 5.36 17.03
N GLN A 24 -6.36 5.05 16.97
CA GLN A 24 -5.40 6.03 16.51
C GLN A 24 -5.60 6.32 15.02
N THR A 25 -5.94 5.30 14.24
CA THR A 25 -6.16 5.46 12.80
C THR A 25 -7.35 6.41 12.57
N ILE A 26 -8.45 6.12 13.26
CA ILE A 26 -9.68 6.87 13.10
C ILE A 26 -9.43 8.31 13.59
N LYS A 27 -8.66 8.48 14.68
CA LYS A 27 -8.32 9.83 15.16
C LYS A 27 -7.69 10.65 14.03
N GLU A 28 -6.71 10.07 13.31
CA GLU A 28 -5.86 10.84 12.42
C GLU A 28 -6.49 10.99 11.03
N PHE A 29 -7.36 10.04 10.62
CA PHE A 29 -7.83 9.97 9.24
C PHE A 29 -9.33 10.25 9.09
N GLU A 30 -10.11 10.17 10.18
CA GLU A 30 -11.56 10.49 10.10
C GLU A 30 -11.76 11.86 9.47
N PRO A 31 -10.95 12.89 9.75
CA PRO A 31 -11.20 14.21 9.19
C PRO A 31 -11.40 14.30 7.67
N ILE A 32 -10.60 13.57 6.87
CA ILE A 32 -10.78 13.64 5.43
C ILE A 32 -12.14 13.03 5.06
N PHE A 33 -12.54 11.96 5.76
CA PHE A 33 -13.86 11.33 5.53
C PHE A 33 -14.99 12.25 5.97
N LYS A 34 -14.83 12.89 7.14
CA LYS A 34 -15.87 13.81 7.64
C LYS A 34 -16.02 14.96 6.63
N TYR A 35 -14.89 15.47 6.14
CA TYR A 35 -14.87 16.53 5.15
C TYR A 35 -15.63 16.08 3.90
N LEU A 36 -15.35 14.87 3.41
CA LEU A 36 -16.01 14.34 2.24
C LEU A 36 -17.53 14.30 2.48
N ALA A 37 -17.95 13.71 3.59
CA ALA A 37 -19.41 13.56 3.87
C ALA A 37 -20.03 14.96 4.00
N ASP A 38 -19.33 15.89 4.66
CA ASP A 38 -19.84 17.25 4.81
C ASP A 38 -20.05 17.91 3.45
N GLN A 39 -19.12 17.70 2.51
CA GLN A 39 -19.19 18.35 1.22
C GLN A 39 -20.36 17.77 0.41
N LEU A 40 -20.76 16.54 0.74
CA LEU A 40 -21.91 15.88 0.05
C LEU A 40 -23.23 16.16 0.78
N GLY A 41 -23.17 16.71 1.98
CA GLY A 41 -24.34 16.85 2.86
C GLY A 41 -24.82 15.54 3.44
N ALA A 42 -23.93 14.55 3.52
CA ALA A 42 -24.27 13.21 4.00
C ALA A 42 -23.85 13.02 5.45
N THR A 43 -24.54 12.09 6.11
CA THR A 43 -24.06 11.51 7.34
C THR A 43 -23.19 10.29 7.00
N TYR A 44 -22.51 9.74 8.01
CA TYR A 44 -21.62 8.60 7.76
C TYR A 44 -21.38 7.76 9.02
N GLU A 45 -20.85 6.56 8.76
CA GLU A 45 -20.27 5.66 9.73
C GLU A 45 -18.81 5.44 9.29
N ILE A 46 -17.87 5.27 10.24
CA ILE A 46 -16.48 4.95 9.87
C ILE A 46 -15.95 3.81 10.75
N VAL A 47 -15.28 2.86 10.10
CA VAL A 47 -14.62 1.75 10.81
C VAL A 47 -13.18 1.65 10.32
N SER A 48 -12.31 1.05 11.14
CA SER A 48 -10.94 0.74 10.72
C SER A 48 -10.63 -0.72 11.06
N PRO A 49 -10.76 -1.64 10.08
CA PRO A 49 -10.41 -3.04 10.30
C PRO A 49 -8.97 -3.21 10.78
N GLU A 50 -8.67 -4.38 11.35
CA GLU A 50 -7.44 -4.66 12.03
C GLU A 50 -6.30 -4.91 11.03
N SER A 51 -6.64 -5.22 9.77
CA SER A 51 -5.60 -5.58 8.79
C SER A 51 -5.95 -5.02 7.40
N TRP A 52 -4.95 -5.00 6.53
CA TRP A 52 -5.13 -4.59 5.15
C TRP A 52 -6.00 -5.60 4.40
N ALA A 53 -5.83 -6.89 4.74
CA ALA A 53 -6.68 -7.91 4.18
C ALA A 53 -8.14 -7.69 4.57
N ALA A 54 -8.38 -7.35 5.83
CA ALA A 54 -9.74 -7.20 6.41
C ALA A 54 -10.53 -6.11 5.67
N ILE A 55 -9.88 -5.00 5.29
CA ILE A 55 -10.61 -3.92 4.65
C ILE A 55 -10.95 -4.31 3.21
N SER A 56 -10.06 -5.08 2.55
CA SER A 56 -10.38 -5.60 1.23
C SER A 56 -11.63 -6.49 1.33
N VAL A 57 -11.66 -7.38 2.34
CA VAL A 57 -12.82 -8.33 2.51
C VAL A 57 -14.11 -7.53 2.75
N ALA A 58 -14.02 -6.50 3.59
CA ALA A 58 -15.17 -5.67 3.95
C ALA A 58 -15.76 -5.01 2.70
N MET A 59 -14.89 -4.51 1.82
CA MET A 59 -15.33 -3.89 0.61
C MET A 59 -15.97 -4.95 -0.31
N THR A 60 -15.33 -6.12 -0.43
CA THR A 60 -15.81 -7.17 -1.31
C THR A 60 -17.20 -7.63 -0.86
N ASN A 61 -17.41 -7.67 0.46
CA ASN A 61 -18.57 -8.29 1.10
C ASN A 61 -19.71 -7.27 1.26
N GLY A 62 -19.56 -6.06 0.70
CA GLY A 62 -20.65 -5.08 0.56
C GLY A 62 -20.91 -4.22 1.79
N HIS A 63 -19.89 -4.00 2.64
CA HIS A 63 -20.04 -3.31 3.90
C HIS A 63 -19.56 -1.85 3.79
N VAL A 64 -19.04 -1.46 2.61
CA VAL A 64 -18.32 -0.18 2.48
C VAL A 64 -18.75 0.56 1.22
N ASP A 65 -19.14 1.82 1.39
CA ASP A 65 -19.39 2.75 0.31
C ASP A 65 -18.10 3.39 -0.23
N VAL A 66 -17.25 3.94 0.65
CA VAL A 66 -15.97 4.53 0.24
C VAL A 66 -14.90 4.01 1.20
N GLY A 67 -13.90 3.32 0.61
CA GLY A 67 -12.85 2.63 1.36
C GLY A 67 -11.50 3.19 1.00
N TRP A 68 -10.64 3.36 2.02
CA TRP A 68 -9.22 3.61 1.77
C TRP A 68 -8.52 2.24 1.82
N LEU A 69 -8.42 1.61 0.66
CA LEU A 69 -7.83 0.25 0.57
C LEU A 69 -6.34 0.39 0.23
N GLY A 70 -5.57 -0.65 0.54
CA GLY A 70 -4.26 -0.78 -0.02
C GLY A 70 -4.31 -1.19 -1.49
N PRO A 71 -3.21 -1.09 -2.26
CA PRO A 71 -3.25 -1.39 -3.70
C PRO A 71 -3.63 -2.85 -4.01
N TRP A 72 -3.07 -3.81 -3.25
CA TRP A 72 -3.39 -5.21 -3.50
C TRP A 72 -4.83 -5.46 -3.04
N GLY A 73 -5.21 -4.86 -1.91
CA GLY A 73 -6.61 -5.04 -1.45
C GLY A 73 -7.59 -4.57 -2.50
N TYR A 74 -7.32 -3.45 -3.16
CA TYR A 74 -8.16 -2.96 -4.25
C TYR A 74 -8.16 -3.97 -5.41
N VAL A 75 -6.98 -4.35 -5.89
CA VAL A 75 -6.92 -5.26 -7.07
C VAL A 75 -7.70 -6.55 -6.75
N LEU A 76 -7.50 -7.11 -5.57
CA LEU A 76 -8.23 -8.34 -5.23
C LEU A 76 -9.73 -8.08 -5.19
N SER A 77 -10.14 -6.97 -4.60
CA SER A 77 -11.55 -6.67 -4.44
C SER A 77 -12.20 -6.43 -5.81
N ASN A 78 -11.46 -5.75 -6.71
CA ASN A 78 -11.87 -5.54 -8.08
C ASN A 78 -12.12 -6.91 -8.74
N LYS A 79 -11.17 -7.85 -8.57
CA LYS A 79 -11.34 -9.19 -9.18
C LYS A 79 -12.58 -9.89 -8.60
N LYS A 80 -12.74 -9.85 -7.28
CA LYS A 80 -13.79 -10.63 -6.59
C LYS A 80 -15.18 -9.97 -6.78
N ALA A 81 -15.26 -8.65 -6.76
CA ALA A 81 -16.55 -7.95 -6.65
C ALA A 81 -16.72 -6.77 -7.62
N GLY A 82 -15.75 -6.47 -8.46
CA GLY A 82 -15.83 -5.36 -9.40
C GLY A 82 -15.72 -3.99 -8.74
N THR A 83 -15.16 -3.95 -7.53
CA THR A 83 -14.80 -2.70 -6.87
C THR A 83 -14.06 -1.75 -7.83
N GLU A 84 -14.39 -0.45 -7.79
CA GLU A 84 -13.79 0.54 -8.65
C GLU A 84 -12.91 1.51 -7.83
N VAL A 85 -11.75 1.89 -8.39
CA VAL A 85 -10.86 2.87 -7.79
C VAL A 85 -11.20 4.26 -8.36
N LEU A 86 -11.27 5.26 -7.48
CA LEU A 86 -11.50 6.67 -7.85
C LEU A 86 -10.21 7.50 -7.82
N ALA A 87 -9.37 7.28 -6.81
CA ALA A 87 -8.28 8.19 -6.58
C ALA A 87 -7.19 7.48 -5.78
N THR A 88 -6.01 8.12 -5.74
CA THR A 88 -4.91 7.68 -4.96
C THR A 88 -4.37 8.85 -4.14
N VAL A 89 -4.03 8.60 -2.89
CA VAL A 89 -3.51 9.59 -1.99
C VAL A 89 -2.03 9.86 -2.31
N LYS A 90 -1.64 11.12 -2.18
CA LYS A 90 -0.24 11.57 -2.27
C LYS A 90 0.39 11.58 -0.89
N TYR A 91 1.67 11.17 -0.87
CA TYR A 91 2.50 11.30 0.30
C TYR A 91 3.74 12.08 -0.10
N ARG A 92 3.93 13.20 0.60
CA ARG A 92 4.90 14.22 0.21
C ARG A 92 4.82 14.53 -1.28
N GLY A 93 3.60 14.62 -1.83
CA GLY A 93 3.37 15.02 -3.19
C GLY A 93 3.41 13.92 -4.25
N GLU A 94 3.78 12.69 -3.85
N GLU A 94 3.71 12.68 -3.82
CA GLU A 94 3.84 11.60 -4.81
CA GLU A 94 3.92 11.53 -4.70
C GLU A 94 2.77 10.58 -4.49
C GLU A 94 2.82 10.48 -4.49
N PRO A 95 2.05 10.10 -5.54
CA PRO A 95 1.00 9.11 -5.35
C PRO A 95 1.47 7.65 -5.42
N PHE A 96 2.77 7.44 -5.35
CA PHE A 96 3.31 6.10 -5.54
C PHE A 96 4.54 5.93 -4.65
N TYR A 97 4.89 4.66 -4.46
CA TYR A 97 6.13 4.28 -3.80
C TYR A 97 6.75 3.11 -4.58
N LYS A 98 7.92 2.67 -4.15
CA LYS A 98 8.60 1.52 -4.73
C LYS A 98 9.01 0.51 -3.66
N ALA A 99 8.81 -0.76 -3.99
CA ALA A 99 9.36 -1.87 -3.20
C ALA A 99 10.85 -1.95 -3.50
N LEU A 100 11.65 -2.29 -2.46
CA LEU A 100 13.09 -2.43 -2.59
C LEU A 100 13.59 -3.81 -2.13
N ILE A 101 14.72 -4.25 -2.69
CA ILE A 101 15.58 -5.21 -2.01
C ILE A 101 16.89 -4.48 -1.75
N VAL A 102 17.27 -4.53 -0.47
CA VAL A 102 18.46 -3.84 0.02
C VAL A 102 19.49 -4.89 0.38
N GLY A 103 20.77 -4.55 0.18
CA GLY A 103 21.89 -5.45 0.44
C GLY A 103 22.98 -4.74 1.23
N ARG A 104 23.75 -5.54 1.97
CA ARG A 104 25.00 -5.03 2.59
C ARG A 104 25.78 -4.26 1.52
N ALA A 105 26.38 -3.13 1.89
CA ALA A 105 27.06 -2.27 0.92
C ALA A 105 28.28 -3.00 0.33
N ASP A 106 28.83 -3.99 1.06
CA ASP A 106 30.04 -4.72 0.65
C ASP A 106 29.72 -6.00 -0.14
N LEU A 107 28.45 -6.22 -0.53
CA LEU A 107 28.13 -7.37 -1.38
C LEU A 107 28.66 -7.12 -2.80
N PRO A 108 29.46 -8.05 -3.35
CA PRO A 108 29.94 -7.94 -4.71
C PRO A 108 28.82 -8.46 -5.63
N ILE A 109 28.10 -7.53 -6.22
CA ILE A 109 27.02 -7.88 -7.11
C ILE A 109 27.24 -7.09 -8.39
N LYS A 110 27.72 -7.79 -9.42
CA LYS A 110 27.90 -7.20 -10.72
C LYS A 110 26.68 -7.57 -11.58
N LYS A 111 26.23 -8.81 -11.45
CA LYS A 111 25.04 -9.27 -12.15
C LYS A 111 23.98 -9.64 -11.12
N TRP A 112 22.83 -8.95 -11.18
CA TRP A 112 21.68 -9.20 -10.30
C TRP A 112 20.61 -9.96 -11.08
N PRO A 113 20.09 -11.05 -10.51
CA PRO A 113 20.39 -11.55 -9.17
C PRO A 113 21.41 -12.68 -9.07
N GLU A 114 22.02 -13.06 -10.19
CA GLU A 114 22.78 -14.29 -10.25
C GLU A 114 23.98 -14.25 -9.30
N ASP A 115 24.62 -13.10 -9.20
CA ASP A 115 25.76 -12.90 -8.29
C ASP A 115 25.35 -13.06 -6.81
N ALA A 116 24.04 -13.01 -6.51
CA ALA A 116 23.56 -13.13 -5.14
C ALA A 116 23.04 -14.55 -4.83
N LYS A 117 23.13 -15.47 -5.80
CA LYS A 117 22.67 -16.81 -5.54
C LYS A 117 23.38 -17.36 -4.29
N GLY A 118 22.58 -17.98 -3.41
CA GLY A 118 23.04 -18.62 -2.19
C GLY A 118 23.20 -17.69 -1.00
N LEU A 119 23.08 -16.36 -1.22
CA LEU A 119 23.12 -15.41 -0.11
C LEU A 119 21.84 -15.51 0.73
N LYS A 120 21.86 -14.89 1.90
CA LYS A 120 20.68 -14.83 2.74
C LYS A 120 19.69 -13.82 2.14
N LEU A 121 18.42 -14.18 2.10
CA LEU A 121 17.40 -13.21 1.74
C LEU A 121 16.30 -13.30 2.79
N SER A 122 15.87 -12.11 3.25
CA SER A 122 14.86 -11.92 4.26
C SER A 122 13.71 -11.09 3.68
N LEU A 123 12.56 -11.74 3.45
CA LEU A 123 11.34 -11.05 3.02
C LEU A 123 10.38 -10.96 4.21
N SER A 124 9.32 -10.17 4.06
CA SER A 124 8.45 -9.92 5.14
C SER A 124 7.40 -11.05 5.26
N ASP A 125 6.48 -10.84 6.20
CA ASP A 125 5.26 -11.62 6.29
C ASP A 125 4.53 -11.53 4.94
N GLN A 126 3.82 -12.62 4.61
CA GLN A 126 3.22 -12.77 3.29
C GLN A 126 2.15 -11.70 3.00
N GLY A 127 1.54 -11.11 4.03
CA GLY A 127 0.48 -10.12 3.84
C GLY A 127 0.97 -8.75 3.44
N ASN A 128 2.29 -8.54 3.44
CA ASN A 128 2.88 -7.29 3.12
C ASN A 128 3.14 -7.24 1.61
N THR A 129 2.50 -6.29 0.94
CA THR A 129 2.63 -6.13 -0.49
C THR A 129 4.07 -5.78 -0.88
N SER A 130 4.67 -4.73 -0.31
CA SER A 130 5.95 -4.31 -0.75
C SER A 130 7.05 -5.24 -0.22
N GLY A 131 6.80 -5.90 0.90
CA GLY A 131 7.82 -6.72 1.52
C GLY A 131 7.83 -8.16 1.08
N TRP A 132 6.71 -8.66 0.49
CA TRP A 132 6.61 -10.08 0.14
C TRP A 132 5.98 -10.26 -1.25
N LEU A 133 4.78 -9.72 -1.47
CA LEU A 133 4.04 -9.98 -2.72
CA LEU A 133 4.06 -10.03 -2.72
C LEU A 133 4.89 -9.54 -3.92
N ILE A 134 5.38 -8.29 -3.86
CA ILE A 134 6.07 -7.71 -4.98
C ILE A 134 7.42 -8.40 -5.21
N PRO A 135 8.33 -8.55 -4.22
CA PRO A 135 9.59 -9.23 -4.52
C PRO A 135 9.43 -10.73 -4.85
N MET A 136 8.51 -11.42 -4.18
CA MET A 136 8.30 -12.84 -4.48
C MET A 136 7.82 -12.95 -5.95
N ALA A 137 6.88 -12.09 -6.35
CA ALA A 137 6.40 -12.10 -7.75
C ALA A 137 7.56 -11.80 -8.71
N TYR A 138 8.49 -10.90 -8.33
CA TYR A 138 9.62 -10.56 -9.15
C TYR A 138 10.47 -11.81 -9.39
N PHE A 139 10.80 -12.53 -8.31
CA PHE A 139 11.65 -13.72 -8.44
C PHE A 139 10.95 -14.77 -9.30
N LYS A 140 9.67 -15.00 -9.04
CA LYS A 140 8.94 -16.02 -9.82
C LYS A 140 8.94 -15.65 -11.29
N SER A 141 8.91 -14.34 -11.58
CA SER A 141 8.83 -13.84 -12.94
C SER A 141 10.10 -14.14 -13.74
N ILE A 142 11.21 -14.44 -13.06
CA ILE A 142 12.46 -14.78 -13.74
C ILE A 142 12.88 -16.21 -13.41
N GLY A 143 11.93 -17.05 -13.01
CA GLY A 143 12.15 -18.47 -12.81
C GLY A 143 12.89 -18.82 -11.53
N ILE A 144 12.88 -17.93 -10.53
CA ILE A 144 13.58 -18.18 -9.27
C ILE A 144 12.58 -18.52 -8.16
N ASP A 145 12.87 -19.59 -7.43
CA ASP A 145 12.19 -19.97 -6.23
C ASP A 145 13.09 -19.50 -5.08
N PRO A 146 12.77 -18.39 -4.41
CA PRO A 146 13.71 -17.86 -3.40
C PRO A 146 14.10 -18.84 -2.30
N ALA A 147 13.19 -19.72 -1.91
CA ALA A 147 13.46 -20.69 -0.83
C ALA A 147 14.62 -21.61 -1.22
N SER A 148 14.71 -21.97 -2.52
CA SER A 148 15.80 -22.83 -2.99
C SER A 148 17.02 -22.02 -3.47
N TYR A 149 16.83 -20.79 -3.98
CA TYR A 149 17.89 -20.06 -4.60
C TYR A 149 18.74 -19.35 -3.56
N PHE A 150 18.10 -18.93 -2.45
CA PHE A 150 18.76 -18.17 -1.39
C PHE A 150 18.71 -18.99 -0.10
N GLU A 151 19.50 -18.57 0.90
CA GLU A 151 19.23 -18.94 2.27
C GLU A 151 18.10 -18.03 2.79
N TYR A 152 16.89 -18.56 2.77
CA TYR A 152 15.68 -17.75 2.72
C TYR A 152 14.96 -17.73 4.08
N ARG A 153 14.48 -16.54 4.48
CA ARG A 153 13.66 -16.32 5.65
C ARG A 153 12.49 -15.39 5.25
N GLU A 154 11.33 -15.64 5.85
CA GLU A 154 10.16 -14.81 5.73
C GLU A 154 9.74 -14.40 7.14
N GLY A 155 9.17 -13.21 7.27
CA GLY A 155 8.46 -12.81 8.48
C GLY A 155 9.10 -11.61 9.18
N ALA A 156 10.26 -11.16 8.68
CA ALA A 156 10.96 -10.04 9.29
C ALA A 156 10.19 -8.74 9.04
N THR A 157 10.38 -7.76 9.93
CA THR A 157 9.92 -6.40 9.67
C THR A 157 10.99 -5.67 8.84
N PHE A 158 10.60 -4.55 8.22
CA PHE A 158 11.56 -3.79 7.48
C PHE A 158 12.65 -3.22 8.39
N GLY A 159 12.28 -2.78 9.58
CA GLY A 159 13.29 -2.29 10.53
C GLY A 159 14.31 -3.37 10.92
N GLN A 160 13.86 -4.61 11.09
CA GLN A 160 14.73 -5.74 11.36
C GLN A 160 15.68 -5.94 10.17
N ASN A 161 15.14 -5.94 8.96
CA ASN A 161 15.97 -6.16 7.79
C ASN A 161 17.05 -5.08 7.70
N GLU A 162 16.64 -3.81 7.77
CA GLU A 162 17.63 -2.72 7.65
C GLU A 162 18.68 -2.74 8.77
N SER A 163 18.28 -2.98 10.01
CA SER A 163 19.26 -2.99 11.14
C SER A 163 20.21 -4.18 10.99
N GLN A 164 19.67 -5.33 10.61
CA GLN A 164 20.49 -6.55 10.51
C GLN A 164 21.47 -6.44 9.34
N ILE A 165 21.06 -5.81 8.24
CA ILE A 165 21.92 -5.56 7.10
C ILE A 165 23.06 -4.64 7.52
N GLN A 166 22.71 -3.50 8.15
CA GLN A 166 23.70 -2.52 8.55
C GLN A 166 24.76 -3.13 9.45
N HIS A 167 24.37 -4.10 10.28
CA HIS A 167 25.28 -4.71 11.26
C HIS A 167 25.93 -5.98 10.71
N GLY A 168 25.74 -6.26 9.42
CA GLY A 168 26.44 -7.32 8.73
C GLY A 168 26.01 -8.72 9.11
N LEU A 169 24.75 -8.89 9.57
CA LEU A 169 24.28 -10.16 10.12
C LEU A 169 23.50 -10.96 9.09
N ILE A 170 22.89 -10.27 8.13
CA ILE A 170 22.15 -10.89 7.02
C ILE A 170 22.67 -10.25 5.73
N ASP A 171 22.16 -10.64 4.57
CA ASP A 171 22.73 -10.18 3.35
C ASP A 171 21.76 -9.24 2.62
N LEU A 172 20.59 -9.79 2.26
CA LEU A 172 19.54 -9.07 1.49
C LEU A 172 18.23 -9.04 2.26
N GLY A 173 17.47 -7.95 2.12
CA GLY A 173 16.17 -7.88 2.74
C GLY A 173 15.25 -6.93 2.01
N SER A 174 13.95 -7.18 2.11
CA SER A 174 13.04 -6.27 1.50
C SER A 174 12.83 -5.05 2.39
N ASP A 175 12.38 -3.98 1.76
CA ASP A 175 11.96 -2.74 2.37
C ASP A 175 11.14 -2.01 1.32
N MET A 176 10.67 -0.83 1.68
CA MET A 176 10.11 0.02 0.65
C MET A 176 10.65 1.43 0.83
N ASP A 177 10.66 2.20 -0.26
CA ASP A 177 11.56 3.37 -0.29
C ASP A 177 11.09 4.42 0.71
N ARG A 178 9.78 4.60 0.89
CA ARG A 178 9.23 5.57 1.83
C ARG A 178 9.70 5.22 3.24
N GLY A 179 9.72 3.93 3.56
CA GLY A 179 10.10 3.44 4.86
C GLY A 179 11.59 3.60 5.08
N ARG A 180 12.39 3.21 4.09
CA ARG A 180 13.83 3.35 4.19
C ARG A 180 14.19 4.83 4.37
N ASN A 181 13.56 5.69 3.58
CA ASN A 181 13.85 7.14 3.71
C ASN A 181 13.53 7.63 5.11
N GLY A 182 12.38 7.23 5.66
CA GLY A 182 11.97 7.60 6.98
C GLY A 182 13.01 7.21 8.02
N MET A 183 13.53 5.99 7.90
CA MET A 183 14.56 5.51 8.83
C MET A 183 15.85 6.33 8.70
N ILE A 184 16.22 6.71 7.47
CA ILE A 184 17.41 7.54 7.29
C ILE A 184 17.16 8.93 7.92
N GLU A 185 15.99 9.51 7.63
CA GLU A 185 15.64 10.86 8.14
C GLU A 185 15.65 10.89 9.68
N ALA A 186 15.24 9.77 10.27
CA ALA A 186 15.09 9.62 11.73
C ALA A 186 16.44 9.32 12.39
N GLY A 187 17.47 9.12 11.57
CA GLY A 187 18.80 8.75 11.99
C GLY A 187 18.87 7.33 12.53
N GLN A 188 17.91 6.48 12.14
CA GLN A 188 17.82 5.14 12.71
C GLN A 188 18.70 4.14 11.98
N ILE A 189 19.07 4.42 10.72
CA ILE A 189 20.07 3.62 10.01
C ILE A 189 21.10 4.53 9.37
N ASP A 190 22.30 3.97 9.19
CA ASP A 190 23.38 4.57 8.46
C ASP A 190 23.35 4.05 7.02
N PRO A 191 22.87 4.83 6.03
CA PRO A 191 22.68 4.31 4.67
C PRO A 191 23.96 3.97 3.90
N SER A 192 25.12 4.44 4.39
CA SER A 192 26.40 4.12 3.81
C SER A 192 26.70 2.61 3.95
N LYS A 193 26.02 1.90 4.85
CA LYS A 193 26.33 0.49 5.13
C LYS A 193 25.47 -0.45 4.28
N SER A 194 24.57 0.12 3.49
CA SER A 194 23.61 -0.68 2.66
C SER A 194 23.43 -0.03 1.30
N LYS A 195 22.85 -0.79 0.35
CA LYS A 195 22.59 -0.29 -0.96
C LYS A 195 21.34 -0.99 -1.51
N ILE A 196 20.70 -0.28 -2.42
CA ILE A 196 19.50 -0.80 -3.08
C ILE A 196 20.00 -1.64 -4.25
N VAL A 197 19.65 -2.94 -4.25
CA VAL A 197 20.12 -3.84 -5.28
C VAL A 197 19.01 -4.06 -6.32
N TRP A 198 17.78 -3.71 -5.97
CA TRP A 198 16.61 -3.93 -6.85
C TRP A 198 15.51 -2.99 -6.39
N GLU A 199 14.81 -2.35 -7.35
CA GLU A 199 13.65 -1.54 -7.03
C GLU A 199 12.55 -1.99 -7.98
N SER A 200 11.33 -1.98 -7.48
CA SER A 200 10.14 -2.29 -8.28
C SER A 200 9.82 -1.08 -9.17
N SER A 201 8.90 -1.31 -10.11
CA SER A 201 8.21 -0.19 -10.74
C SER A 201 7.27 0.51 -9.72
N LYS A 202 6.66 1.63 -10.12
CA LYS A 202 5.85 2.42 -9.22
C LYS A 202 4.61 1.64 -8.79
N LEU A 203 4.33 1.74 -7.51
CA LEU A 203 3.18 1.13 -6.87
C LEU A 203 2.30 2.25 -6.31
N PRO A 204 1.00 2.32 -6.63
CA PRO A 204 0.13 3.34 -6.04
C PRO A 204 0.05 3.21 -4.51
N ASN A 205 0.00 4.36 -3.82
CA ASN A 205 0.04 4.37 -2.34
C ASN A 205 -1.14 3.62 -1.72
N ASN A 206 -2.31 3.75 -2.36
CA ASN A 206 -3.56 3.25 -1.84
C ASN A 206 -4.53 3.26 -3.00
N ALA A 207 -5.80 3.01 -2.69
CA ALA A 207 -6.93 3.10 -3.62
C ALA A 207 -8.18 3.56 -2.86
N ILE A 208 -8.63 4.77 -3.14
CA ILE A 208 -9.92 5.24 -2.64
C ILE A 208 -10.95 4.55 -3.53
N SER A 209 -11.71 3.64 -2.93
CA SER A 209 -12.47 2.64 -3.66
C SER A 209 -13.96 2.74 -3.34
N VAL A 210 -14.78 2.31 -4.31
CA VAL A 210 -16.22 2.24 -4.15
C VAL A 210 -16.70 0.95 -4.76
N PRO A 211 -17.91 0.48 -4.35
CA PRO A 211 -18.46 -0.74 -4.94
C PRO A 211 -18.77 -0.61 -6.43
N LYS A 212 -18.85 -1.77 -7.09
CA LYS A 212 -19.31 -1.87 -8.47
C LYS A 212 -20.69 -1.20 -8.58
N ASP A 213 -20.88 -0.38 -9.61
CA ASP A 213 -22.17 0.26 -9.92
C ASP A 213 -22.51 1.36 -8.89
N PHE A 214 -21.52 1.85 -8.14
CA PHE A 214 -21.73 3.00 -7.28
C PHE A 214 -22.16 4.15 -8.20
N ASP A 215 -23.06 5.00 -7.68
CA ASP A 215 -23.71 6.02 -8.49
C ASP A 215 -22.66 6.86 -9.20
N PRO A 216 -22.65 6.87 -10.55
CA PRO A 216 -21.69 7.67 -11.32
C PRO A 216 -21.57 9.14 -10.91
N ALA A 217 -22.69 9.80 -10.62
CA ALA A 217 -22.68 11.21 -10.20
C ALA A 217 -21.84 11.38 -8.92
N LEU A 218 -22.03 10.46 -7.96
CA LEU A 218 -21.32 10.49 -6.67
C LEU A 218 -19.84 10.17 -6.84
N LYS A 219 -19.52 9.15 -7.67
CA LYS A 219 -18.11 8.84 -8.01
C LYS A 219 -17.39 10.10 -8.49
N ALA A 220 -17.99 10.79 -9.47
CA ALA A 220 -17.41 12.02 -10.02
C ALA A 220 -17.22 13.08 -8.94
N ARG A 221 -18.24 13.26 -8.10
CA ARG A 221 -18.27 14.26 -7.10
C ARG A 221 -17.22 13.96 -6.02
N ILE A 222 -17.15 12.69 -5.61
CA ILE A 222 -16.12 12.31 -4.63
C ILE A 222 -14.72 12.58 -5.22
N THR A 223 -14.51 12.18 -6.47
CA THR A 223 -13.22 12.39 -7.12
C THR A 223 -12.86 13.90 -7.13
N GLU A 224 -13.82 14.73 -7.57
CA GLU A 224 -13.62 16.20 -7.64
C GLU A 224 -13.27 16.77 -6.26
N ILE A 225 -14.03 16.38 -5.24
CA ILE A 225 -13.85 16.89 -3.87
C ILE A 225 -12.45 16.56 -3.34
N LEU A 226 -12.01 15.32 -3.56
CA LEU A 226 -10.70 14.88 -3.06
C LEU A 226 -9.55 15.47 -3.90
N THR A 227 -9.66 15.42 -5.23
CA THR A 227 -8.55 15.87 -6.10
C THR A 227 -8.42 17.40 -6.10
N SER A 228 -9.48 18.12 -5.71
CA SER A 228 -9.49 19.60 -5.64
C SER A 228 -8.68 20.14 -4.45
N LEU A 229 -8.45 19.31 -3.44
CA LEU A 229 -7.81 19.75 -2.25
C LEU A 229 -6.40 20.30 -2.56
N SER A 230 -6.10 21.47 -1.99
CA SER A 230 -4.75 22.00 -1.93
C SER A 230 -3.91 21.06 -1.05
N GLU A 231 -2.60 21.18 -1.22
CA GLU A 231 -1.67 20.48 -0.37
C GLU A 231 -1.96 20.81 1.09
N GLU A 232 -2.15 22.08 1.43
CA GLU A 232 -2.30 22.48 2.84
C GLU A 232 -3.62 21.97 3.41
N LYS A 233 -4.70 22.03 2.63
CA LYS A 233 -6.01 21.62 3.12
C LYS A 233 -6.03 20.09 3.30
N ALA A 234 -5.50 19.38 2.30
CA ALA A 234 -5.44 17.89 2.35
C ALA A 234 -4.59 17.45 3.57
N GLN A 235 -3.43 18.09 3.77
CA GLN A 235 -2.61 17.74 4.91
C GLN A 235 -3.30 18.05 6.26
N SER A 236 -4.09 19.13 6.32
CA SER A 236 -4.79 19.47 7.56
C SER A 236 -5.79 18.37 7.96
N LEU A 237 -6.19 17.51 7.00
CA LEU A 237 -7.25 16.56 7.20
C LEU A 237 -6.74 15.12 7.33
N MET A 238 -5.42 14.93 7.21
CA MET A 238 -4.85 13.59 7.19
C MET A 238 -3.56 13.54 7.99
N GLY A 239 -3.16 12.32 8.37
CA GLY A 239 -1.88 12.08 9.04
C GLY A 239 -0.69 12.61 8.25
N SER A 240 0.41 12.86 8.97
CA SER A 240 1.56 13.52 8.40
C SER A 240 2.01 12.86 7.10
N GLY A 241 2.29 13.71 6.11
CA GLY A 241 2.83 13.38 4.79
C GLY A 241 1.74 13.29 3.71
N TYR A 242 0.56 12.84 4.10
CA TYR A 242 -0.55 12.62 3.16
C TYR A 242 -1.16 13.98 2.79
N ASN A 243 -0.96 14.44 1.54
CA ASN A 243 -1.07 15.88 1.21
C ASN A 243 -1.68 16.11 -0.17
N GLY A 244 -2.56 15.20 -0.59
CA GLY A 244 -3.30 15.42 -1.79
C GLY A 244 -3.89 14.13 -2.31
N PHE A 245 -4.65 14.27 -3.38
CA PHE A 245 -5.21 13.12 -4.10
C PHE A 245 -5.05 13.35 -5.60
N VAL A 246 -4.84 12.27 -6.34
CA VAL A 246 -4.85 12.26 -7.81
C VAL A 246 -5.92 11.28 -8.30
N LYS A 247 -6.49 11.58 -9.46
CA LYS A 247 -7.46 10.68 -10.07
C LYS A 247 -6.69 9.42 -10.44
N ALA A 248 -7.35 8.27 -10.29
CA ALA A 248 -6.75 7.00 -10.52
C ALA A 248 -7.65 6.14 -11.38
N LYS A 249 -7.03 5.11 -11.97
CA LYS A 249 -7.72 4.15 -12.75
C LYS A 249 -7.03 2.80 -12.57
N HIS A 250 -7.75 1.75 -12.94
CA HIS A 250 -7.35 0.37 -12.68
C HIS A 250 -5.94 0.10 -13.22
N SER A 251 -5.62 0.62 -14.41
CA SER A 251 -4.33 0.35 -15.06
C SER A 251 -3.14 0.87 -14.25
N ASP A 252 -3.36 1.82 -13.33
CA ASP A 252 -2.31 2.33 -12.47
C ASP A 252 -1.80 1.22 -11.55
N TYR A 253 -2.61 0.17 -11.36
CA TYR A 253 -2.34 -0.92 -10.40
C TYR A 253 -1.72 -2.14 -11.11
N LYS A 254 -1.25 -1.95 -12.36
CA LYS A 254 -0.81 -3.08 -13.21
C LYS A 254 0.31 -3.88 -12.52
N VAL A 255 1.31 -3.21 -11.91
CA VAL A 255 2.41 -3.92 -11.30
C VAL A 255 1.86 -4.83 -10.19
N ILE A 256 0.85 -4.32 -9.46
CA ILE A 256 0.24 -5.04 -8.35
C ILE A 256 -0.52 -6.25 -8.90
N GLU A 257 -1.33 -5.98 -9.93
CA GLU A 257 -2.13 -7.03 -10.51
C GLU A 257 -1.24 -8.13 -11.10
N ASP A 258 -0.17 -7.73 -11.77
CA ASP A 258 0.76 -8.71 -12.35
C ASP A 258 1.36 -9.60 -11.26
N ALA A 259 1.74 -8.98 -10.11
CA ALA A 259 2.29 -9.75 -9.02
C ALA A 259 1.30 -10.79 -8.46
N GLY A 260 0.06 -10.37 -8.21
CA GLY A 260 -0.95 -11.26 -7.70
C GLY A 260 -1.25 -12.36 -8.72
N ARG A 261 -1.20 -12.01 -9.99
CA ARG A 261 -1.46 -12.97 -11.08
C ARG A 261 -0.43 -14.10 -11.03
N ILE A 262 0.88 -13.78 -10.94
CA ILE A 262 1.89 -14.81 -11.09
C ILE A 262 1.94 -15.70 -9.83
N LEU A 263 1.49 -15.19 -8.66
CA LEU A 263 1.52 -15.98 -7.46
C LEU A 263 0.22 -16.77 -7.29
N GLY A 264 -0.61 -16.78 -8.34
CA GLY A 264 -1.85 -17.58 -8.38
C GLY A 264 -2.98 -17.00 -7.53
N LYS A 265 -2.85 -15.73 -7.14
CA LYS A 265 -3.77 -15.12 -6.18
C LYS A 265 -4.98 -14.54 -6.88
N LEU A 266 -5.07 -14.61 -8.20
CA LEU A 266 -6.25 -14.16 -8.88
C LEU A 266 -7.00 -15.32 -9.53
N LEU A 267 -6.55 -16.55 -9.25
CA LEU A 267 -7.28 -17.73 -9.71
C LEU A 267 -8.55 -17.88 -8.86
N GLU A 268 -9.65 -18.24 -9.52
CA GLU A 268 -10.96 -18.43 -8.86
C GLU A 268 -10.99 -19.77 -8.13
C FMT B . -2.07 -7.46 6.74
O1 FMT B . -3.04 -7.91 6.10
O2 FMT B . -2.23 -6.33 7.47
C1 EDO C . -27.67 14.40 1.27
O1 EDO C . -28.57 13.54 0.51
C2 EDO C . -27.88 15.83 0.82
O2 EDO C . -29.05 16.36 1.46
C1 EDO D . 9.13 2.92 -13.24
O1 EDO D . 9.75 3.80 -12.33
C2 EDO D . 7.71 2.72 -12.82
O2 EDO D . 6.84 2.70 -13.95
C1 BTB E . 28.63 -8.93 15.77
O1 BTB E . 30.00 -8.83 16.21
C2 BTB E . 27.95 -7.62 16.18
C3 BTB E . 27.78 -7.69 17.71
O3 BTB E . 27.09 -8.87 18.15
C4 BTB E . 26.58 -7.56 15.47
O4 BTB E . 26.01 -6.24 15.48
N BTB E . 29.03 -6.66 15.68
C5 BTB E . 28.85 -6.30 14.22
C6 BTB E . 29.46 -5.00 13.68
O6 BTB E . 28.38 -4.15 13.32
C7 BTB E . 29.67 -5.67 16.63
C8 BTB E . 28.84 -4.65 17.41
O8 BTB E . 28.23 -3.69 16.55
S SO4 F . -2.19 -3.84 0.45
O1 SO4 F . -1.95 -2.81 1.43
O2 SO4 F . -1.46 -3.58 -0.80
O3 SO4 F . -3.66 -4.07 0.21
O4 SO4 F . -1.71 -5.09 1.10
#